data_7MGA
#
_entry.id   7MGA
#
_cell.length_a   65.090
_cell.length_b   77.780
_cell.length_c   126.060
_cell.angle_alpha   90.00
_cell.angle_beta   90.00
_cell.angle_gamma   90.00
#
_symmetry.space_group_name_H-M   'P 21 2 21'
#
loop_
_entity.id
_entity.type
_entity.pdbx_description
1 polymer Concanavalin-A
2 polymer "DNA (5'-D(P*AP*AP*AP*TP*TP*T)-3')"
3 non-polymer 'MANGANESE (II) ION'
4 non-polymer 'CALCIUM ION'
5 non-polymer alpha-D-mannopyranose
6 non-polymer 3-{[2-(2-hydroxyethoxy)ethyl]amino}-4-[(6-hydroxyhexyl)amino]cyclobut-3-ene-1,2-dione
7 water water
#
loop_
_entity_poly.entity_id
_entity_poly.type
_entity_poly.pdbx_seq_one_letter_code
_entity_poly.pdbx_strand_id
1 'polypeptide(L)'
;ADTIVAVELDTYPNTDIGDPSYPHIGIDIKSVRSKKTAKWNMQNGKVGTAHIIYNSVDKRLSAVVSYPNADSATVSYDVD
LDNVLPEWVRVGLSASTGLYKETNTILSWSFTSKLKSNSTHETNALHFMFNQFSKDQKDLILQGDATTGTDGNLELTRVS
SNGSPQGSSVGRALFYAPVHIWESSAVVASFEATFTFLIKSPDSHPADGIAFFISNIDSSIPSGSTGRLLGLFPDAN
;
A,B
2 'polydeoxyribonucleotide' (DA)(DA)(DA)(DT)(DT)(DT) C,D
#
loop_
_chem_comp.id
_chem_comp.type
_chem_comp.name
_chem_comp.formula
CA non-polymer 'CALCIUM ION' 'Ca 2'
DA DNA linking 2'-DEOXYADENOSINE-5'-MONOPHOSPHATE 'C10 H14 N5 O6 P'
DT DNA linking THYMIDINE-5'-MONOPHOSPHATE 'C10 H15 N2 O8 P'
MAN D-saccharide, alpha linking alpha-D-mannopyranose 'C6 H12 O6'
MN non-polymer 'MANGANESE (II) ION' 'Mn 2'
SQ0 non-polymer 3-{[2-(2-hydroxyethoxy)ethyl]amino}-4-[(6-hydroxyhexyl)amino]cyclobut-3-ene-1,2-dione 'C14 H24 N2 O5'
#
# COMPACT_ATOMS: atom_id res chain seq x y z
N ALA A 1 -11.17 17.89 15.01
CA ALA A 1 -11.79 16.58 14.74
C ALA A 1 -11.32 16.07 13.36
N ASP A 2 -11.30 14.76 13.18
CA ASP A 2 -11.01 14.10 11.88
C ASP A 2 -12.08 14.55 10.88
N THR A 3 -11.76 14.39 9.61
CA THR A 3 -12.73 14.43 8.48
C THR A 3 -13.05 12.99 8.10
N ILE A 4 -14.32 12.62 8.16
CA ILE A 4 -14.77 11.22 7.92
C ILE A 4 -15.83 11.23 6.82
N VAL A 5 -15.62 10.38 5.82
CA VAL A 5 -16.68 9.88 4.91
C VAL A 5 -16.84 8.39 5.16
N ALA A 6 -18.05 7.91 5.42
CA ALA A 6 -18.23 6.48 5.69
C ALA A 6 -19.49 5.93 5.05
N VAL A 7 -19.45 4.64 4.87
CA VAL A 7 -20.64 3.80 4.64
C VAL A 7 -20.86 2.96 5.89
N GLU A 8 -22.01 3.16 6.53
CA GLU A 8 -22.37 2.44 7.78
C GLU A 8 -23.28 1.25 7.46
N LEU A 9 -22.96 0.09 8.03
CA LEU A 9 -23.92 -1.02 8.24
C LEU A 9 -24.41 -0.92 9.70
N ASP A 10 -25.53 -0.24 9.91
CA ASP A 10 -25.99 0.19 11.25
C ASP A 10 -26.99 -0.87 11.71
N THR A 11 -26.60 -1.73 12.66
CA THR A 11 -27.46 -2.84 13.16
C THR A 11 -28.47 -2.35 14.19
N TYR A 12 -28.31 -1.16 14.77
CA TYR A 12 -29.10 -0.70 15.92
C TYR A 12 -29.68 0.70 15.70
N PRO A 13 -31.02 0.83 15.73
CA PRO A 13 -31.71 2.12 15.62
C PRO A 13 -31.59 3.04 16.84
N ASN A 14 -30.88 4.16 16.67
CA ASN A 14 -30.70 5.24 17.65
C ASN A 14 -31.61 6.37 17.18
N THR A 15 -32.92 6.22 17.37
CA THR A 15 -33.91 7.18 16.81
C THR A 15 -33.65 8.60 17.31
N ASP A 16 -33.08 8.76 18.50
CA ASP A 16 -32.74 10.10 19.08
C ASP A 16 -31.74 10.84 18.19
N ILE A 17 -30.97 10.18 17.31
CA ILE A 17 -29.95 10.88 16.47
C ILE A 17 -30.24 10.66 14.98
N GLY A 18 -31.49 10.38 14.62
CA GLY A 18 -31.95 10.45 13.22
C GLY A 18 -31.90 9.10 12.52
N ASP A 19 -31.39 8.05 13.16
CA ASP A 19 -31.48 6.68 12.57
C ASP A 19 -32.93 6.38 12.26
N PRO A 20 -33.25 5.65 11.16
CA PRO A 20 -34.61 5.17 10.97
C PRO A 20 -34.90 4.09 12.02
N SER A 21 -36.11 3.55 12.03
CA SER A 21 -36.58 2.68 13.11
C SER A 21 -36.18 1.22 12.86
N TYR A 22 -35.26 0.95 11.94
CA TYR A 22 -34.85 -0.42 11.54
C TYR A 22 -33.35 -0.44 11.25
N PRO A 23 -32.70 -1.61 11.30
CA PRO A 23 -31.34 -1.77 10.79
C PRO A 23 -31.27 -1.23 9.36
N HIS A 24 -30.23 -0.46 9.05
CA HIS A 24 -30.13 0.30 7.79
C HIS A 24 -28.68 0.34 7.32
N ILE A 25 -28.46 0.64 6.05
CA ILE A 25 -27.14 1.10 5.56
C ILE A 25 -27.27 2.59 5.29
N GLY A 26 -26.17 3.30 5.44
CA GLY A 26 -26.21 4.76 5.38
C GLY A 26 -24.95 5.30 4.81
N ILE A 27 -25.04 6.51 4.29
CA ILE A 27 -23.85 7.24 3.75
C ILE A 27 -23.62 8.39 4.72
N ASP A 28 -22.45 8.43 5.34
CA ASP A 28 -22.12 9.42 6.39
C ASP A 28 -21.05 10.38 5.88
N ILE A 29 -21.43 11.65 5.76
CA ILE A 29 -20.51 12.72 5.32
C ILE A 29 -20.33 13.65 6.52
N LYS A 30 -19.21 13.50 7.22
CA LYS A 30 -18.73 14.29 8.39
C LYS A 30 -19.78 14.35 9.52
N SER A 31 -20.68 13.37 9.63
CA SER A 31 -21.71 13.29 10.70
C SER A 31 -22.25 11.87 10.75
N VAL A 32 -22.51 11.37 11.95
CA VAL A 32 -23.19 10.06 12.16
C VAL A 32 -24.65 10.12 11.70
N ARG A 33 -25.19 11.31 11.52
CA ARG A 33 -26.57 11.46 10.96
C ARG A 33 -26.52 11.31 9.43
N SER A 34 -26.75 10.10 8.94
CA SER A 34 -26.56 9.69 7.53
C SER A 34 -27.24 10.70 6.60
N LYS A 35 -26.59 11.06 5.49
CA LYS A 35 -27.19 11.93 4.48
C LYS A 35 -28.25 11.13 3.74
N LYS A 36 -28.09 9.81 3.72
CA LYS A 36 -28.98 8.89 3.00
C LYS A 36 -28.92 7.51 3.64
N THR A 37 -30.07 6.84 3.76
CA THR A 37 -30.18 5.50 4.35
C THR A 37 -31.08 4.63 3.48
N ALA A 38 -30.96 3.31 3.63
CA ALA A 38 -31.87 2.31 3.06
C ALA A 38 -32.05 1.19 4.10
N LYS A 39 -33.20 0.53 4.08
CA LYS A 39 -33.54 -0.57 4.99
C LYS A 39 -32.60 -1.73 4.71
N TRP A 40 -32.13 -2.39 5.74
CA TRP A 40 -31.18 -3.52 5.62
C TRP A 40 -31.71 -4.68 6.44
N ASN A 41 -32.07 -5.79 5.80
CA ASN A 41 -32.45 -7.06 6.50
C ASN A 41 -31.17 -7.78 6.92
N MET A 42 -30.54 -7.33 8.01
CA MET A 42 -29.31 -7.95 8.58
C MET A 42 -29.66 -9.39 8.99
N GLN A 43 -28.83 -10.35 8.65
CA GLN A 43 -29.02 -11.79 8.94
C GLN A 43 -27.96 -12.18 9.96
N ASN A 44 -28.36 -12.21 11.23
CA ASN A 44 -27.55 -12.64 12.39
C ASN A 44 -26.93 -14.00 12.09
N GLY A 45 -25.60 -14.13 12.15
CA GLY A 45 -24.91 -15.42 11.95
C GLY A 45 -24.52 -15.71 10.51
N LYS A 46 -24.97 -14.94 9.52
CA LYS A 46 -24.67 -15.25 8.08
C LYS A 46 -23.57 -14.32 7.57
N VAL A 47 -22.69 -14.84 6.72
CA VAL A 47 -21.64 -14.04 6.00
C VAL A 47 -22.29 -13.11 4.97
N GLY A 48 -22.10 -11.80 5.13
CA GLY A 48 -22.56 -10.77 4.19
C GLY A 48 -21.40 -10.18 3.40
N THR A 49 -21.74 -9.49 2.29
CA THR A 49 -20.78 -8.82 1.37
C THR A 49 -21.24 -7.38 1.25
N ALA A 50 -20.32 -6.45 1.37
CA ALA A 50 -20.53 -5.01 1.13
C ALA A 50 -19.63 -4.60 -0.03
N HIS A 51 -20.18 -3.79 -0.93
CA HIS A 51 -19.50 -3.25 -2.12
C HIS A 51 -19.77 -1.75 -2.13
N ILE A 52 -18.71 -0.96 -2.16
CA ILE A 52 -18.74 0.52 -2.14
C ILE A 52 -18.03 1.02 -3.41
N ILE A 53 -18.61 1.99 -4.09
CA ILE A 53 -18.03 2.51 -5.37
C ILE A 53 -18.20 4.01 -5.42
N TYR A 54 -17.24 4.66 -6.05
CA TYR A 54 -17.26 6.11 -6.32
C TYR A 54 -16.40 6.39 -7.56
N ASN A 55 -16.80 7.38 -8.37
CA ASN A 55 -15.90 7.85 -9.45
C ASN A 55 -16.13 9.36 -9.61
N SER A 56 -15.11 10.05 -10.09
CA SER A 56 -15.07 11.53 -10.25
C SER A 56 -15.97 12.01 -11.39
N VAL A 57 -16.49 11.11 -12.24
CA VAL A 57 -17.38 11.47 -13.38
C VAL A 57 -18.81 11.65 -12.85
N ASP A 58 -19.34 10.65 -12.16
CA ASP A 58 -20.73 10.67 -11.63
C ASP A 58 -20.74 11.33 -10.24
N LYS A 59 -19.62 11.34 -9.51
CA LYS A 59 -19.54 11.90 -8.14
C LYS A 59 -20.71 11.41 -7.29
N ARG A 60 -20.94 10.10 -7.29
CA ARG A 60 -22.05 9.43 -6.57
C ARG A 60 -21.41 8.32 -5.73
N LEU A 61 -21.48 8.41 -4.41
CA LEU A 61 -20.99 7.31 -3.54
C LEU A 61 -22.11 6.31 -3.37
N SER A 62 -21.87 5.06 -3.71
CA SER A 62 -22.89 4.00 -3.75
C SER A 62 -22.41 2.80 -2.96
N ALA A 63 -23.32 2.11 -2.30
CA ALA A 63 -23.00 0.85 -1.61
C ALA A 63 -24.10 -0.15 -1.84
N VAL A 64 -23.70 -1.40 -1.90
CA VAL A 64 -24.64 -2.55 -1.94
C VAL A 64 -24.19 -3.54 -0.88
N VAL A 65 -25.13 -4.03 -0.12
CA VAL A 65 -24.91 -5.06 0.93
C VAL A 65 -25.89 -6.20 0.70
N SER A 66 -25.36 -7.41 0.74
CA SER A 66 -26.14 -8.60 0.35
C SER A 66 -25.65 -9.81 1.14
N TYR A 67 -26.54 -10.79 1.20
CA TYR A 67 -26.30 -12.16 1.70
C TYR A 67 -26.66 -13.10 0.55
N PRO A 68 -26.06 -14.30 0.43
CA PRO A 68 -26.53 -15.28 -0.56
C PRO A 68 -28.04 -15.55 -0.45
N ASN A 69 -28.72 -15.65 -1.61
CA ASN A 69 -30.14 -16.07 -1.76
C ASN A 69 -31.07 -15.04 -1.09
N ALA A 70 -30.67 -13.77 -1.07
CA ALA A 70 -31.47 -12.69 -0.48
C ALA A 70 -31.37 -11.47 -1.37
N ASP A 71 -32.38 -10.62 -1.32
CA ASP A 71 -32.40 -9.29 -2.00
C ASP A 71 -31.33 -8.42 -1.36
N SER A 72 -30.59 -7.69 -2.17
CA SER A 72 -29.60 -6.67 -1.76
C SER A 72 -30.32 -5.49 -1.14
N ALA A 73 -29.59 -4.73 -0.32
CA ALA A 73 -29.88 -3.34 0.06
C ALA A 73 -28.84 -2.43 -0.61
N THR A 74 -29.27 -1.27 -1.10
CA THR A 74 -28.39 -0.36 -1.84
C THR A 74 -28.71 1.07 -1.43
N VAL A 75 -27.70 1.91 -1.35
CA VAL A 75 -27.89 3.34 -1.03
C VAL A 75 -26.85 4.13 -1.83
N SER A 76 -27.24 5.29 -2.32
CA SER A 76 -26.38 6.18 -3.15
C SER A 76 -26.61 7.62 -2.72
N TYR A 77 -25.60 8.44 -2.81
CA TYR A 77 -25.68 9.86 -2.47
C TYR A 77 -24.73 10.60 -3.40
N ASP A 78 -25.25 11.67 -4.00
CA ASP A 78 -24.46 12.55 -4.87
C ASP A 78 -23.64 13.44 -3.93
N VAL A 79 -22.31 13.31 -3.98
CA VAL A 79 -21.38 14.13 -3.18
C VAL A 79 -20.09 14.26 -3.98
N ASP A 80 -19.54 15.46 -4.02
CA ASP A 80 -18.22 15.73 -4.64
C ASP A 80 -17.17 15.58 -3.55
N LEU A 81 -16.44 14.48 -3.52
CA LEU A 81 -15.51 14.18 -2.40
C LEU A 81 -14.30 15.12 -2.44
N ASP A 82 -14.01 15.78 -3.56
CA ASP A 82 -12.94 16.83 -3.64
C ASP A 82 -13.26 18.00 -2.71
N ASN A 83 -14.55 18.26 -2.46
CA ASN A 83 -15.02 19.35 -1.58
C ASN A 83 -15.08 18.90 -0.12
N VAL A 84 -14.90 17.61 0.19
CA VAL A 84 -15.07 17.04 1.56
C VAL A 84 -13.73 16.53 2.11
N LEU A 85 -13.05 15.67 1.35
CA LEU A 85 -11.85 14.95 1.84
C LEU A 85 -10.59 15.72 1.51
N PRO A 86 -9.52 15.54 2.30
CA PRO A 86 -8.21 15.99 1.85
C PRO A 86 -7.82 15.11 0.66
N GLU A 87 -6.84 15.57 -0.09
CA GLU A 87 -6.31 14.95 -1.31
C GLU A 87 -5.71 13.59 -0.94
N TRP A 88 -5.04 13.52 0.20
CA TRP A 88 -4.50 12.22 0.70
C TRP A 88 -5.34 11.78 1.89
N VAL A 89 -5.65 10.48 1.96
CA VAL A 89 -6.51 9.88 3.00
C VAL A 89 -5.94 8.54 3.46
N ARG A 90 -6.50 8.00 4.53
CA ARG A 90 -6.36 6.55 4.83
C ARG A 90 -7.73 5.96 4.68
N VAL A 91 -7.78 4.67 4.37
CA VAL A 91 -9.07 3.96 4.28
C VAL A 91 -9.10 2.92 5.37
N GLY A 92 -10.30 2.64 5.88
CA GLY A 92 -10.37 1.66 6.97
C GLY A 92 -11.77 1.11 7.18
N LEU A 93 -11.84 0.19 8.13
CA LEU A 93 -13.06 -0.45 8.69
C LEU A 93 -13.12 -0.13 10.18
N SER A 94 -14.33 0.18 10.65
CA SER A 94 -14.62 0.59 12.04
C SER A 94 -15.80 -0.25 12.53
N ALA A 95 -15.87 -0.56 13.81
CA ALA A 95 -17.05 -1.21 14.40
C ALA A 95 -17.15 -0.85 15.87
N SER A 96 -18.36 -0.92 16.43
CA SER A 96 -18.56 -0.65 17.85
C SER A 96 -19.70 -1.49 18.39
N THR A 97 -19.70 -1.62 19.71
CA THR A 97 -20.80 -2.16 20.56
C THR A 97 -21.03 -1.14 21.68
N GLY A 98 -22.19 -1.24 22.34
CA GLY A 98 -22.56 -0.34 23.42
C GLY A 98 -23.12 -1.15 24.56
N LEU A 99 -24.33 -0.81 24.98
CA LEU A 99 -25.03 -1.64 25.99
C LEU A 99 -25.60 -2.87 25.29
N TYR A 100 -25.80 -2.87 23.96
CA TYR A 100 -26.00 -4.12 23.19
C TYR A 100 -24.73 -4.42 22.38
N LYS A 101 -24.60 -5.63 21.88
CA LYS A 101 -23.31 -6.11 21.36
C LYS A 101 -23.54 -7.13 20.24
N GLU A 102 -22.46 -7.43 19.52
CA GLU A 102 -22.39 -8.30 18.34
C GLU A 102 -20.92 -8.57 18.06
N THR A 103 -20.60 -9.71 17.47
CA THR A 103 -19.28 -9.90 16.80
C THR A 103 -19.26 -8.97 15.57
N ASN A 104 -18.14 -8.37 15.30
CA ASN A 104 -17.92 -7.50 14.13
C ASN A 104 -16.69 -8.09 13.42
N THR A 105 -16.87 -9.25 12.81
CA THR A 105 -15.80 -10.06 12.21
C THR A 105 -15.71 -9.70 10.74
N ILE A 106 -14.51 -9.39 10.24
CA ILE A 106 -14.23 -9.17 8.81
C ILE A 106 -13.45 -10.37 8.28
N LEU A 107 -13.97 -11.05 7.24
CA LEU A 107 -13.38 -12.28 6.68
C LEU A 107 -12.46 -11.91 5.51
N SER A 108 -12.71 -10.76 4.87
CA SER A 108 -11.95 -10.33 3.67
C SER A 108 -12.17 -8.85 3.46
N TRP A 109 -11.20 -8.22 2.82
CA TRP A 109 -11.28 -6.77 2.53
C TRP A 109 -10.39 -6.49 1.32
N SER A 110 -10.94 -5.80 0.33
CA SER A 110 -10.15 -5.37 -0.83
C SER A 110 -10.51 -3.95 -1.20
N PHE A 111 -9.54 -3.25 -1.78
CA PHE A 111 -9.66 -1.83 -2.13
C PHE A 111 -8.85 -1.59 -3.39
N THR A 112 -9.39 -0.74 -4.26
CA THR A 112 -8.71 -0.28 -5.49
C THR A 112 -8.98 1.20 -5.63
N SER A 113 -7.96 2.00 -5.92
CA SER A 113 -8.09 3.43 -6.27
C SER A 113 -7.25 3.69 -7.52
N LYS A 114 -7.75 4.54 -8.40
CA LYS A 114 -7.05 4.88 -9.68
C LYS A 114 -7.23 6.37 -9.93
N LEU A 115 -6.15 7.05 -10.32
CA LEU A 115 -6.19 8.45 -10.83
C LEU A 115 -5.53 8.49 -12.21
N LYS A 116 -6.21 9.05 -13.21
CA LYS A 116 -5.70 9.24 -14.60
C LYS A 116 -5.15 10.66 -14.76
N THR A 123 -1.73 6.76 -15.62
CA THR A 123 -2.56 6.29 -14.47
C THR A 123 -1.70 5.89 -13.27
N ASN A 124 -2.10 6.34 -12.08
CA ASN A 124 -1.61 5.84 -10.78
C ASN A 124 -2.70 4.94 -10.20
N ALA A 125 -2.29 3.77 -9.71
CA ALA A 125 -3.25 2.83 -9.09
C ALA A 125 -2.71 2.30 -7.75
N LEU A 126 -3.64 1.97 -6.88
CA LEU A 126 -3.33 1.19 -5.66
C LEU A 126 -4.38 0.11 -5.52
N HIS A 127 -3.93 -1.08 -5.17
CA HIS A 127 -4.87 -2.18 -4.91
C HIS A 127 -4.33 -3.04 -3.80
N PHE A 128 -5.19 -3.39 -2.84
CA PHE A 128 -4.85 -4.46 -1.86
C PHE A 128 -6.04 -5.40 -1.76
N MET A 129 -5.70 -6.64 -1.44
CA MET A 129 -6.70 -7.66 -1.11
C MET A 129 -6.24 -8.43 0.12
N PHE A 130 -7.09 -8.48 1.12
CA PHE A 130 -6.93 -9.40 2.26
C PHE A 130 -8.07 -10.43 2.19
N ASN A 131 -7.71 -11.68 1.97
CA ASN A 131 -8.65 -12.82 2.12
C ASN A 131 -8.36 -13.54 3.44
N GLN A 132 -7.20 -13.33 4.02
CA GLN A 132 -6.97 -13.75 5.41
C GLN A 132 -6.14 -12.66 6.10
N PHE A 133 -6.28 -12.57 7.42
CA PHE A 133 -5.52 -11.67 8.31
C PHE A 133 -4.60 -12.52 9.19
N SER A 134 -3.32 -12.18 9.29
CA SER A 134 -2.29 -12.89 10.10
C SER A 134 -2.21 -12.22 11.48
N LYS A 135 -1.63 -12.89 12.45
CA LYS A 135 -1.40 -12.38 13.84
C LYS A 135 -0.62 -11.07 13.81
N ASP A 136 0.33 -10.92 12.90
CA ASP A 136 1.16 -9.69 12.88
C ASP A 136 1.01 -9.05 11.49
N GLN A 137 -0.11 -8.35 11.27
CA GLN A 137 -0.46 -7.85 9.92
C GLN A 137 0.10 -6.44 9.80
N LYS A 138 1.38 -6.29 9.46
CA LYS A 138 2.13 -5.01 9.50
C LYS A 138 1.58 -3.96 8.51
N ASP A 139 0.79 -4.35 7.52
CA ASP A 139 0.23 -3.38 6.55
C ASP A 139 -1.15 -2.89 7.03
N LEU A 140 -1.59 -3.29 8.24
CA LEU A 140 -2.78 -2.71 8.91
C LEU A 140 -2.35 -1.94 10.14
N ILE A 141 -2.98 -0.79 10.35
CA ILE A 141 -2.91 -0.05 11.64
C ILE A 141 -4.18 -0.40 12.41
N LEU A 142 -4.05 -1.19 13.48
CA LEU A 142 -5.17 -1.59 14.38
C LEU A 142 -5.30 -0.55 15.48
N GLN A 143 -6.52 -0.07 15.70
CA GLN A 143 -6.83 0.98 16.69
C GLN A 143 -7.88 0.41 17.64
N GLY A 144 -7.81 0.80 18.92
CA GLY A 144 -8.78 0.39 19.95
C GLY A 144 -8.74 -1.11 20.15
N ASP A 145 -9.89 -1.78 20.10
CA ASP A 145 -9.95 -3.23 20.43
C ASP A 145 -9.66 -4.16 19.23
N ALA A 146 -9.32 -3.64 18.05
CA ALA A 146 -9.26 -4.48 16.84
C ALA A 146 -8.07 -5.45 16.95
N THR A 147 -8.27 -6.70 16.58
CA THR A 147 -7.21 -7.74 16.56
C THR A 147 -7.29 -8.56 15.27
N THR A 148 -6.19 -9.17 14.88
CA THR A 148 -6.10 -10.10 13.72
C THR A 148 -5.51 -11.42 14.20
N GLY A 149 -5.73 -12.50 13.45
CA GLY A 149 -5.01 -13.78 13.64
C GLY A 149 -5.92 -14.90 14.11
N THR A 150 -7.03 -14.53 14.77
CA THR A 150 -8.06 -15.48 15.32
C THR A 150 -8.87 -16.02 14.12
N ASP A 151 -8.59 -17.27 13.74
CA ASP A 151 -9.26 -17.94 12.60
C ASP A 151 -8.88 -17.27 11.27
N GLY A 152 -7.79 -16.46 11.21
CA GLY A 152 -7.42 -15.69 10.00
C GLY A 152 -8.40 -14.54 9.74
N ASN A 153 -9.14 -14.12 10.75
CA ASN A 153 -10.12 -13.03 10.62
C ASN A 153 -9.62 -11.77 11.33
N LEU A 154 -10.23 -10.65 11.00
CA LEU A 154 -10.02 -9.36 11.68
C LEU A 154 -11.23 -9.18 12.60
N GLU A 155 -11.04 -9.09 13.92
CA GLU A 155 -12.14 -8.80 14.88
C GLU A 155 -12.05 -7.33 15.25
N LEU A 156 -12.97 -6.51 14.76
CA LEU A 156 -12.90 -5.06 14.98
C LEU A 156 -13.17 -4.76 16.46
N THR A 157 -14.03 -5.54 17.13
CA THR A 157 -14.41 -5.27 18.54
C THR A 157 -14.16 -6.51 19.39
N ARG A 158 -14.11 -6.30 20.70
CA ARG A 158 -13.55 -7.28 21.68
C ARG A 158 -14.48 -8.48 21.73
N VAL A 159 -13.96 -9.57 21.80
CA VAL A 159 -14.68 -10.87 21.78
C VAL A 159 -13.96 -11.73 22.84
N SER A 160 -14.57 -12.24 23.82
CA SER A 160 -13.95 -12.92 24.99
C SER A 160 -13.43 -14.31 24.55
N SER A 161 -12.61 -14.96 25.39
CA SER A 161 -12.02 -16.30 25.10
C SER A 161 -13.11 -17.37 24.87
N ASN A 162 -14.32 -17.22 25.41
CA ASN A 162 -15.43 -18.17 25.12
C ASN A 162 -16.17 -17.78 23.83
N GLY A 163 -15.71 -16.76 23.07
CA GLY A 163 -16.30 -16.38 21.76
C GLY A 163 -17.51 -15.44 21.89
N SER A 164 -17.78 -14.91 23.08
CA SER A 164 -18.89 -13.98 23.35
C SER A 164 -18.42 -12.56 23.04
N PRO A 165 -19.19 -11.75 22.30
CA PRO A 165 -18.84 -10.33 22.10
C PRO A 165 -18.99 -9.53 23.40
N GLN A 166 -18.18 -8.48 23.57
CA GLN A 166 -18.26 -7.60 24.74
C GLN A 166 -18.93 -6.28 24.32
N GLY A 167 -19.63 -5.68 25.28
CA GLY A 167 -20.24 -4.36 25.14
C GLY A 167 -19.18 -3.28 25.24
N SER A 168 -19.58 -2.07 24.89
CA SER A 168 -18.80 -0.84 25.06
C SER A 168 -17.40 -1.05 24.49
N SER A 169 -17.31 -1.59 23.27
CA SER A 169 -16.05 -1.86 22.52
C SER A 169 -16.05 -1.07 21.20
N VAL A 170 -14.86 -0.71 20.76
CA VAL A 170 -14.63 0.03 19.49
C VAL A 170 -13.23 -0.37 19.01
N GLY A 171 -13.09 -0.58 17.70
CA GLY A 171 -11.81 -0.82 17.04
C GLY A 171 -11.95 -0.61 15.55
N ARG A 172 -10.80 -0.35 14.93
CA ARG A 172 -10.69 0.07 13.53
C ARG A 172 -9.42 -0.57 13.00
N ALA A 173 -9.42 -0.85 11.70
CA ALA A 173 -8.25 -1.29 10.94
C ALA A 173 -8.12 -0.33 9.75
N LEU A 174 -6.94 0.30 9.62
CA LEU A 174 -6.64 1.24 8.52
C LEU A 174 -5.52 0.63 7.68
N PHE A 175 -5.60 0.74 6.33
CA PHE A 175 -4.49 0.37 5.43
C PHE A 175 -3.31 1.31 5.74
N TYR A 176 -2.12 0.72 5.86
CA TYR A 176 -0.89 1.43 6.25
C TYR A 176 -0.62 2.61 5.30
N ALA A 177 -0.69 2.44 3.99
CA ALA A 177 -0.24 3.51 3.05
C ALA A 177 -1.35 4.53 2.92
N PRO A 178 -1.02 5.84 2.91
CA PRO A 178 -1.96 6.87 2.50
C PRO A 178 -2.38 6.63 1.05
N VAL A 179 -3.56 7.12 0.71
CA VAL A 179 -4.20 6.86 -0.60
C VAL A 179 -4.46 8.23 -1.23
N HIS A 180 -4.14 8.36 -2.50
CA HIS A 180 -4.40 9.60 -3.27
C HIS A 180 -5.81 9.52 -3.83
N ILE A 181 -6.78 10.11 -3.14
CA ILE A 181 -8.21 9.85 -3.42
C ILE A 181 -8.70 10.83 -4.49
N TRP A 182 -8.15 12.03 -4.61
CA TRP A 182 -8.49 12.99 -5.69
C TRP A 182 -7.27 13.86 -6.02
N GLU A 183 -7.28 14.47 -7.21
CA GLU A 183 -6.23 15.41 -7.65
C GLU A 183 -6.85 16.37 -8.66
N SER A 184 -6.57 17.68 -8.57
CA SER A 184 -7.12 18.73 -9.49
C SER A 184 -6.80 18.38 -10.96
N SER A 185 -5.61 17.80 -11.24
CA SER A 185 -5.05 17.44 -12.58
C SER A 185 -5.50 16.06 -13.10
N ALA A 186 -6.37 15.34 -12.39
CA ALA A 186 -6.86 14.01 -12.84
C ALA A 186 -8.06 14.17 -13.78
N VAL A 187 -8.07 13.40 -14.86
CA VAL A 187 -9.19 13.28 -15.84
C VAL A 187 -10.29 12.44 -15.21
N VAL A 188 -9.95 11.27 -14.69
CA VAL A 188 -10.88 10.36 -13.97
C VAL A 188 -10.18 9.86 -12.71
N ALA A 189 -10.93 9.82 -11.62
CA ALA A 189 -10.53 9.19 -10.35
C ALA A 189 -11.65 8.25 -9.93
N SER A 190 -11.28 7.07 -9.42
CA SER A 190 -12.31 6.13 -8.93
C SER A 190 -11.74 5.32 -7.77
N PHE A 191 -12.61 4.83 -6.91
CA PHE A 191 -12.26 3.79 -5.93
C PHE A 191 -13.42 2.80 -5.85
N GLU A 192 -13.07 1.60 -5.43
CA GLU A 192 -14.04 0.61 -4.97
C GLU A 192 -13.47 -0.09 -3.74
N ALA A 193 -14.36 -0.55 -2.88
CA ALA A 193 -13.99 -1.40 -1.75
C ALA A 193 -15.02 -2.52 -1.63
N THR A 194 -14.54 -3.70 -1.25
CA THR A 194 -15.35 -4.89 -0.95
C THR A 194 -14.90 -5.45 0.39
N PHE A 195 -15.84 -5.85 1.22
CA PHE A 195 -15.51 -6.64 2.44
C PHE A 195 -16.60 -7.64 2.71
N THR A 196 -16.22 -8.77 3.32
CA THR A 196 -17.16 -9.78 3.85
C THR A 196 -17.06 -9.80 5.37
N PHE A 197 -18.21 -10.00 6.00
CA PHE A 197 -18.40 -9.69 7.42
C PHE A 197 -19.36 -10.74 7.99
N LEU A 198 -19.23 -10.98 9.30
CA LEU A 198 -20.03 -11.96 10.07
C LEU A 198 -20.44 -11.23 11.35
N ILE A 199 -21.70 -10.81 11.42
CA ILE A 199 -22.32 -10.20 12.62
C ILE A 199 -23.18 -11.28 13.27
N LYS A 200 -22.84 -11.63 14.52
CA LYS A 200 -23.54 -12.63 15.38
C LYS A 200 -23.83 -11.96 16.71
N SER A 201 -25.07 -12.07 17.20
CA SER A 201 -25.43 -11.66 18.59
C SER A 201 -26.19 -12.79 19.25
N PRO A 202 -25.86 -13.13 20.52
CA PRO A 202 -26.71 -14.01 21.32
C PRO A 202 -27.85 -13.22 21.99
N ASP A 203 -27.72 -11.90 22.07
CA ASP A 203 -28.78 -10.97 22.57
C ASP A 203 -29.85 -10.86 21.49
N SER A 204 -31.11 -10.66 21.91
CA SER A 204 -32.27 -10.36 21.03
C SER A 204 -31.90 -9.26 20.04
N HIS A 205 -31.11 -8.25 20.45
CA HIS A 205 -30.77 -7.05 19.64
C HIS A 205 -29.24 -6.95 19.48
N PRO A 206 -28.76 -7.13 18.24
CA PRO A 206 -27.37 -6.79 17.90
C PRO A 206 -27.14 -5.26 17.90
N ALA A 207 -25.93 -4.85 18.23
CA ALA A 207 -25.46 -3.44 18.07
C ALA A 207 -23.94 -3.47 18.04
N ASP A 208 -23.30 -2.47 17.41
CA ASP A 208 -23.92 -1.28 16.86
C ASP A 208 -23.76 -1.18 15.35
N GLY A 209 -22.76 -1.84 14.77
CA GLY A 209 -22.59 -1.86 13.32
C GLY A 209 -21.11 -1.88 12.92
N ILE A 210 -20.88 -1.89 11.62
CA ILE A 210 -19.54 -1.86 10.94
C ILE A 210 -19.60 -0.72 9.94
N ALA A 211 -18.50 -0.02 9.68
CA ALA A 211 -18.41 1.04 8.66
C ALA A 211 -17.13 0.87 7.88
N PHE A 212 -17.20 1.09 6.56
CA PHE A 212 -16.04 1.42 5.72
C PHE A 212 -15.89 2.95 5.78
N PHE A 213 -14.69 3.43 5.98
CA PHE A 213 -14.52 4.89 6.11
C PHE A 213 -13.27 5.35 5.38
N ILE A 214 -13.29 6.64 5.08
CA ILE A 214 -12.13 7.36 4.51
C ILE A 214 -11.93 8.58 5.37
N SER A 215 -10.68 8.83 5.77
CA SER A 215 -10.37 9.90 6.76
C SER A 215 -9.07 10.61 6.40
N ASN A 216 -8.83 11.73 7.06
CA ASN A 216 -7.47 12.31 7.15
C ASN A 216 -6.50 11.19 7.56
N ILE A 217 -5.25 11.29 7.14
CA ILE A 217 -4.27 10.18 7.25
C ILE A 217 -4.01 9.88 8.73
N ASP A 218 -4.06 10.90 9.57
CA ASP A 218 -3.65 10.78 11.00
C ASP A 218 -4.89 10.54 11.89
N SER A 219 -5.96 9.98 11.34
CA SER A 219 -7.23 9.75 12.08
C SER A 219 -7.03 8.71 13.18
N SER A 220 -7.72 8.88 14.29
CA SER A 220 -7.71 7.95 15.45
C SER A 220 -9.13 7.85 16.01
N ILE A 221 -9.40 6.81 16.77
CA ILE A 221 -10.76 6.61 17.33
C ILE A 221 -11.07 7.80 18.21
N PRO A 222 -12.16 8.59 17.98
CA PRO A 222 -12.52 9.64 18.92
C PRO A 222 -12.78 9.01 20.31
N SER A 223 -12.28 9.64 21.35
CA SER A 223 -12.53 9.18 22.74
C SER A 223 -14.05 9.08 22.99
N GLY A 224 -14.52 7.94 23.50
CA GLY A 224 -15.94 7.73 23.86
C GLY A 224 -16.85 7.35 22.70
N SER A 225 -16.30 7.04 21.53
CA SER A 225 -17.03 6.75 20.27
C SER A 225 -17.50 5.28 20.21
N THR A 226 -17.76 4.65 21.35
CA THR A 226 -18.42 3.33 21.41
C THR A 226 -19.89 3.52 21.04
N GLY A 227 -20.65 2.43 20.98
CA GLY A 227 -22.10 2.46 20.69
C GLY A 227 -22.43 3.14 19.37
N ARG A 228 -23.40 4.05 19.41
CA ARG A 228 -24.02 4.62 18.19
C ARG A 228 -23.05 5.46 17.37
N LEU A 229 -21.88 5.83 17.89
CA LEU A 229 -20.90 6.67 17.16
C LEU A 229 -19.92 5.85 16.29
N LEU A 230 -19.91 4.52 16.44
CA LEU A 230 -19.36 3.52 15.47
C LEU A 230 -17.84 3.68 15.31
N GLY A 231 -17.19 4.28 16.29
CA GLY A 231 -15.74 4.56 16.28
C GLY A 231 -15.34 5.63 15.30
N LEU A 232 -16.28 6.46 14.85
CA LEU A 232 -16.03 7.44 13.76
C LEU A 232 -16.16 8.89 14.23
N PHE A 233 -17.16 9.20 15.04
CA PHE A 233 -17.53 10.59 15.37
C PHE A 233 -17.37 10.82 16.87
N PRO A 234 -16.91 12.03 17.27
CA PRO A 234 -16.82 12.36 18.68
C PRO A 234 -18.18 12.71 19.31
N ASP A 235 -19.21 12.89 18.50
CA ASP A 235 -20.54 13.30 19.01
C ASP A 235 -21.58 13.00 17.94
N ALA A 236 -22.85 13.27 18.24
CA ALA A 236 -24.02 12.88 17.42
C ALA A 236 -24.56 14.07 16.62
N ASN A 237 -23.82 15.18 16.52
CA ASN A 237 -24.21 16.35 15.66
C ASN A 237 -24.21 15.96 14.17
N ALA B 1 22.88 -3.89 11.04
CA ALA B 1 22.81 -3.54 9.59
C ALA B 1 21.51 -4.09 8.99
N ASP B 2 20.96 -3.37 8.01
CA ASP B 2 19.77 -3.81 7.23
C ASP B 2 20.07 -5.15 6.57
N THR B 3 19.02 -5.87 6.20
CA THR B 3 19.07 -7.00 5.24
C THR B 3 18.60 -6.47 3.89
N ILE B 4 19.44 -6.60 2.87
CA ILE B 4 19.11 -6.10 1.51
C ILE B 4 19.19 -7.23 0.48
N VAL B 5 18.15 -7.32 -0.35
CA VAL B 5 18.17 -8.02 -1.66
C VAL B 5 17.97 -6.98 -2.75
N ALA B 6 18.86 -6.91 -3.74
CA ALA B 6 18.68 -5.89 -4.78
C ALA B 6 19.00 -6.44 -6.15
N VAL B 7 18.41 -5.76 -7.13
CA VAL B 7 18.86 -5.79 -8.54
C VAL B 7 19.53 -4.47 -8.86
N GLU B 8 20.84 -4.51 -9.17
CA GLU B 8 21.60 -3.28 -9.51
C GLU B 8 21.66 -3.11 -11.02
N LEU B 9 21.40 -1.88 -11.48
CA LEU B 9 21.85 -1.36 -12.79
C LEU B 9 23.12 -0.53 -12.50
N ASP B 10 24.29 -1.16 -12.60
CA ASP B 10 25.58 -0.60 -12.12
C ASP B 10 26.26 0.02 -13.35
N THR B 11 26.28 1.35 -13.44
CA THR B 11 26.84 2.07 -14.61
C THR B 11 28.37 2.18 -14.52
N TYR B 12 28.98 1.91 -13.36
CA TYR B 12 30.41 2.25 -13.12
C TYR B 12 31.15 1.05 -12.55
N PRO B 13 32.18 0.58 -13.27
CA PRO B 13 33.01 -0.54 -12.80
C PRO B 13 33.97 -0.18 -11.66
N ASN B 14 33.72 -0.70 -10.47
CA ASN B 14 34.57 -0.60 -9.27
C ASN B 14 35.28 -1.95 -9.17
N THR B 15 36.32 -2.13 -9.97
CA THR B 15 37.06 -3.44 -10.07
C THR B 15 37.60 -3.85 -8.70
N ASP B 16 37.95 -2.92 -7.82
CA ASP B 16 38.49 -3.26 -6.47
C ASP B 16 37.43 -4.00 -5.63
N ILE B 17 36.13 -3.95 -5.96
CA ILE B 17 35.10 -4.68 -5.15
C ILE B 17 34.32 -5.69 -6.01
N GLY B 18 34.92 -6.19 -7.09
CA GLY B 18 34.43 -7.38 -7.79
C GLY B 18 33.57 -7.05 -8.99
N ASP B 19 33.23 -5.79 -9.23
CA ASP B 19 32.52 -5.40 -10.48
C ASP B 19 33.32 -5.90 -11.69
N PRO B 20 32.65 -6.34 -12.77
CA PRO B 20 33.35 -6.60 -14.04
C PRO B 20 33.82 -5.27 -14.64
N SER B 21 34.49 -5.32 -15.79
CA SER B 21 35.17 -4.17 -16.43
C SER B 21 34.20 -3.33 -17.25
N TYR B 22 32.87 -3.51 -17.12
CA TYR B 22 31.86 -2.83 -17.97
C TYR B 22 30.61 -2.56 -17.12
N PRO B 23 29.75 -1.61 -17.54
CA PRO B 23 28.42 -1.49 -16.97
C PRO B 23 27.71 -2.85 -17.00
N HIS B 24 27.04 -3.21 -15.92
CA HIS B 24 26.45 -4.54 -15.72
C HIS B 24 25.13 -4.40 -14.96
N ILE B 25 24.33 -5.45 -15.03
CA ILE B 25 23.16 -5.67 -14.14
C ILE B 25 23.57 -6.83 -13.25
N GLY B 26 23.17 -6.76 -12.00
CA GLY B 26 23.64 -7.71 -10.99
C GLY B 26 22.55 -8.04 -10.03
N ILE B 27 22.65 -9.20 -9.42
CA ILE B 27 21.77 -9.61 -8.31
C ILE B 27 22.61 -9.58 -7.06
N ASP B 28 22.14 -8.80 -6.08
CA ASP B 28 22.87 -8.53 -4.82
C ASP B 28 22.08 -9.14 -3.69
N ILE B 29 22.67 -10.17 -3.05
CA ILE B 29 22.08 -10.82 -1.86
C ILE B 29 22.98 -10.48 -0.66
N LYS B 30 22.57 -9.49 0.13
CA LYS B 30 23.21 -8.99 1.38
C LYS B 30 24.67 -8.59 1.16
N SER B 31 25.05 -8.20 -0.03
CA SER B 31 26.42 -7.74 -0.39
C SER B 31 26.38 -6.98 -1.70
N VAL B 32 27.16 -5.91 -1.80
CA VAL B 32 27.37 -5.15 -3.06
C VAL B 32 28.13 -6.00 -4.07
N ARG B 33 28.80 -7.05 -3.63
CA ARG B 33 29.50 -7.98 -4.55
C ARG B 33 28.48 -8.95 -5.14
N SER B 34 27.94 -8.59 -6.30
CA SER B 34 26.81 -9.31 -6.96
C SER B 34 27.06 -10.82 -6.95
N LYS B 35 26.04 -11.62 -6.66
CA LYS B 35 26.13 -13.10 -6.76
C LYS B 35 26.17 -13.46 -8.23
N LYS B 36 25.65 -12.58 -9.09
CA LYS B 36 25.53 -12.83 -10.54
C LYS B 36 25.46 -11.50 -11.28
N THR B 37 26.15 -11.40 -12.42
CA THR B 37 26.13 -10.17 -13.26
C THR B 37 25.98 -10.56 -14.73
N ALA B 38 25.56 -9.61 -15.54
CA ALA B 38 25.54 -9.69 -17.01
C ALA B 38 25.93 -8.32 -17.56
N LYS B 39 26.57 -8.32 -18.74
CA LYS B 39 26.97 -7.10 -19.46
C LYS B 39 25.71 -6.32 -19.81
N TRP B 40 25.78 -5.00 -19.65
CA TRP B 40 24.64 -4.10 -19.86
C TRP B 40 25.11 -2.94 -20.73
N ASN B 41 24.61 -2.83 -21.96
CA ASN B 41 24.88 -1.70 -22.89
C ASN B 41 23.99 -0.52 -22.49
N MET B 42 24.35 0.17 -21.40
CA MET B 42 23.63 1.38 -20.91
C MET B 42 23.71 2.45 -22.00
N GLN B 43 22.58 3.09 -22.32
CA GLN B 43 22.46 4.09 -23.41
C GLN B 43 22.21 5.43 -22.74
N ASN B 44 23.28 6.21 -22.60
CA ASN B 44 23.31 7.57 -22.02
C ASN B 44 22.23 8.41 -22.70
N GLY B 45 21.27 8.95 -21.93
CA GLY B 45 20.23 9.87 -22.42
C GLY B 45 18.98 9.18 -22.95
N LYS B 46 18.92 7.84 -23.00
CA LYS B 46 17.73 7.11 -23.52
C LYS B 46 16.91 6.55 -22.35
N VAL B 47 15.60 6.49 -22.51
CA VAL B 47 14.67 5.86 -21.52
C VAL B 47 14.78 4.32 -21.58
N GLY B 48 15.15 3.68 -20.49
CA GLY B 48 15.21 2.21 -20.34
C GLY B 48 14.08 1.67 -19.45
N THR B 49 13.86 0.36 -19.50
CA THR B 49 12.83 -0.38 -18.72
C THR B 49 13.56 -1.53 -18.03
N ALA B 50 13.28 -1.70 -16.73
CA ALA B 50 13.76 -2.83 -15.92
C ALA B 50 12.54 -3.63 -15.48
N HIS B 51 12.65 -4.96 -15.52
CA HIS B 51 11.62 -5.94 -15.11
C HIS B 51 12.28 -6.95 -14.20
N ILE B 52 11.77 -7.10 -12.99
CA ILE B 52 12.27 -8.03 -11.95
C ILE B 52 11.15 -9.01 -11.59
N ILE B 53 11.49 -10.30 -11.49
CA ILE B 53 10.46 -11.32 -11.20
C ILE B 53 11.03 -12.36 -10.25
N TYR B 54 10.15 -12.91 -9.42
CA TYR B 54 10.46 -13.98 -8.46
C TYR B 54 9.18 -14.75 -8.15
N ASN B 55 9.28 -16.06 -7.93
CA ASN B 55 8.15 -16.82 -7.38
C ASN B 55 8.71 -17.94 -6.51
N SER B 56 7.94 -18.37 -5.53
CA SER B 56 8.33 -19.36 -4.48
C SER B 56 8.40 -20.78 -5.07
N VAL B 57 7.95 -21.01 -6.31
CA VAL B 57 8.00 -22.34 -6.98
C VAL B 57 9.39 -22.53 -7.60
N ASP B 58 9.83 -21.61 -8.46
CA ASP B 58 11.16 -21.66 -9.11
C ASP B 58 12.26 -21.13 -8.19
N LYS B 59 11.93 -20.24 -7.24
CA LYS B 59 12.91 -19.61 -6.32
C LYS B 59 14.13 -19.10 -7.10
N ARG B 60 13.87 -18.35 -8.15
CA ARG B 60 14.84 -17.77 -9.07
C ARG B 60 14.52 -16.28 -9.17
N LEU B 61 15.42 -15.41 -8.74
CA LEU B 61 15.25 -13.96 -8.92
C LEU B 61 15.83 -13.61 -10.30
N SER B 62 15.04 -12.99 -11.17
CA SER B 62 15.41 -12.71 -12.56
C SER B 62 15.16 -11.25 -12.89
N ALA B 63 16.04 -10.64 -13.69
CA ALA B 63 15.79 -9.27 -14.16
C ALA B 63 16.08 -9.18 -15.64
N VAL B 64 15.37 -8.29 -16.29
CA VAL B 64 15.65 -7.92 -17.69
C VAL B 64 15.65 -6.41 -17.76
N VAL B 65 16.62 -5.87 -18.47
CA VAL B 65 16.71 -4.41 -18.71
C VAL B 65 16.88 -4.22 -20.20
N SER B 66 16.13 -3.29 -20.76
CA SER B 66 16.08 -3.04 -22.20
C SER B 66 15.83 -1.58 -22.51
N TYR B 67 16.21 -1.20 -23.72
CA TYR B 67 15.91 0.07 -24.39
C TYR B 67 15.14 -0.31 -25.65
N PRO B 68 14.22 0.52 -26.18
CA PRO B 68 13.61 0.26 -27.49
C PRO B 68 14.64 -0.03 -28.60
N ASN B 69 14.38 -1.04 -29.44
CA ASN B 69 15.14 -1.36 -30.69
C ASN B 69 16.56 -1.81 -30.34
N ALA B 70 16.77 -2.40 -29.16
CA ALA B 70 18.09 -2.86 -28.70
C ALA B 70 17.90 -4.19 -27.97
N ASP B 71 18.94 -5.00 -27.99
CA ASP B 71 19.00 -6.30 -27.28
C ASP B 71 18.89 -6.05 -25.76
N SER B 72 18.11 -6.87 -25.09
CA SER B 72 17.96 -6.88 -23.62
C SER B 72 19.24 -7.38 -22.98
N ALA B 73 19.46 -7.04 -21.72
CA ALA B 73 20.37 -7.73 -20.78
C ALA B 73 19.52 -8.41 -19.70
N THR B 74 19.90 -9.61 -19.34
CA THR B 74 19.11 -10.43 -18.39
C THR B 74 20.05 -11.13 -17.44
N VAL B 75 19.64 -11.30 -16.19
CA VAL B 75 20.46 -12.00 -15.18
C VAL B 75 19.47 -12.74 -14.26
N SER B 76 19.84 -13.94 -13.82
CA SER B 76 19.02 -14.76 -12.91
C SER B 76 19.92 -15.38 -11.85
N TYR B 77 19.38 -15.62 -10.67
CA TYR B 77 20.10 -16.27 -9.58
C TYR B 77 19.09 -17.09 -8.80
N ASP B 78 19.45 -18.35 -8.54
CA ASP B 78 18.66 -19.28 -7.71
C ASP B 78 18.92 -18.87 -6.27
N VAL B 79 17.88 -18.44 -5.56
CA VAL B 79 17.96 -18.06 -4.14
C VAL B 79 16.57 -18.29 -3.52
N ASP B 80 16.53 -18.90 -2.35
CA ASP B 80 15.28 -19.03 -1.57
C ASP B 80 15.17 -17.81 -0.66
N LEU B 81 14.31 -16.84 -1.02
CA LEU B 81 14.23 -15.55 -0.29
C LEU B 81 13.66 -15.74 1.12
N ASP B 82 12.97 -16.86 1.39
CA ASP B 82 12.50 -17.20 2.77
C ASP B 82 13.67 -17.34 3.74
N ASN B 83 14.85 -17.74 3.23
CA ASN B 83 16.07 -17.97 4.05
C ASN B 83 16.89 -16.68 4.16
N VAL B 84 16.53 -15.60 3.44
CA VAL B 84 17.32 -14.33 3.37
C VAL B 84 16.52 -13.17 3.99
N LEU B 85 15.30 -12.95 3.54
CA LEU B 85 14.53 -11.74 3.93
C LEU B 85 13.67 -12.04 5.15
N PRO B 86 13.37 -11.02 5.98
CA PRO B 86 12.27 -11.15 6.92
C PRO B 86 10.97 -11.33 6.12
N GLU B 87 9.96 -11.83 6.81
CA GLU B 87 8.62 -12.14 6.28
C GLU B 87 7.96 -10.84 5.79
N TRP B 88 8.15 -9.77 6.52
CA TRP B 88 7.66 -8.42 6.13
C TRP B 88 8.84 -7.55 5.71
N VAL B 89 8.69 -6.83 4.61
CA VAL B 89 9.75 -6.01 3.96
C VAL B 89 9.19 -4.68 3.49
N ARG B 90 10.11 -3.78 3.11
CA ARG B 90 9.75 -2.60 2.30
C ARG B 90 10.44 -2.79 0.96
N VAL B 91 9.83 -2.25 -0.08
CA VAL B 91 10.43 -2.31 -1.44
C VAL B 91 10.75 -0.89 -1.88
N GLY B 92 11.81 -0.75 -2.66
CA GLY B 92 12.24 0.62 -3.01
C GLY B 92 13.18 0.66 -4.17
N LEU B 93 13.51 1.90 -4.55
CA LEU B 93 14.52 2.25 -5.58
C LEU B 93 15.59 3.11 -4.88
N SER B 94 16.84 2.86 -5.22
CA SER B 94 18.04 3.52 -4.67
C SER B 94 18.90 3.96 -5.85
N ALA B 95 19.62 5.05 -5.70
CA ALA B 95 20.64 5.46 -6.69
C ALA B 95 21.72 6.28 -6.00
N SER B 96 22.90 6.35 -6.62
CA SER B 96 24.02 7.09 -6.05
C SER B 96 24.91 7.61 -7.18
N THR B 97 25.67 8.65 -6.84
CA THR B 97 26.80 9.21 -7.61
C THR B 97 27.98 9.35 -6.64
N GLY B 98 29.19 9.53 -7.19
CA GLY B 98 30.39 9.66 -6.35
C GLY B 98 31.26 10.74 -6.94
N LEU B 99 32.49 10.39 -7.37
CA LEU B 99 33.36 11.32 -8.13
C LEU B 99 32.72 11.56 -9.50
N TYR B 100 32.18 10.49 -10.09
CA TYR B 100 31.43 10.59 -11.36
C TYR B 100 29.93 10.55 -11.06
N LYS B 101 29.14 11.00 -12.03
CA LYS B 101 27.73 11.34 -11.78
C LYS B 101 26.88 11.08 -13.03
N GLU B 102 25.57 11.12 -12.80
CA GLU B 102 24.52 10.75 -13.76
C GLU B 102 23.20 11.22 -13.14
N THR B 103 22.23 11.55 -13.98
CA THR B 103 20.81 11.65 -13.52
C THR B 103 20.37 10.21 -13.23
N ASN B 104 19.61 10.04 -12.16
CA ASN B 104 19.02 8.74 -11.78
C ASN B 104 17.50 8.99 -11.73
N THR B 105 16.90 9.28 -12.88
CA THR B 105 15.51 9.71 -13.04
C THR B 105 14.64 8.47 -13.24
N ILE B 106 13.56 8.36 -12.45
CA ILE B 106 12.54 7.28 -12.57
C ILE B 106 11.28 7.92 -13.14
N LEU B 107 10.81 7.44 -14.29
CA LEU B 107 9.62 7.97 -14.99
C LEU B 107 8.37 7.21 -14.54
N SER B 108 8.54 5.95 -14.09
CA SER B 108 7.41 5.08 -13.69
C SER B 108 7.92 3.95 -12.83
N TRP B 109 7.04 3.41 -12.00
CA TRP B 109 7.39 2.30 -11.11
C TRP B 109 6.11 1.55 -10.76
N SER B 110 6.13 0.23 -10.90
CA SER B 110 4.99 -0.60 -10.46
C SER B 110 5.52 -1.84 -9.77
N PHE B 111 4.70 -2.35 -8.88
CA PHE B 111 5.03 -3.54 -8.07
C PHE B 111 3.74 -4.32 -7.83
N THR B 112 3.86 -5.64 -7.83
CA THR B 112 2.77 -6.57 -7.48
C THR B 112 3.36 -7.66 -6.64
N SER B 113 2.73 -7.99 -5.51
CA SER B 113 3.06 -9.18 -4.68
C SER B 113 1.79 -9.96 -4.37
N LYS B 114 1.87 -11.28 -4.37
CA LYS B 114 0.69 -12.15 -4.15
C LYS B 114 1.16 -13.33 -3.31
N LEU B 115 0.37 -13.70 -2.31
CA LEU B 115 0.55 -14.93 -1.51
C LEU B 115 -0.75 -15.75 -1.59
N LYS B 116 -0.72 -17.00 -2.05
CA LYS B 116 -1.86 -17.98 -2.04
C LYS B 116 -1.85 -18.83 -0.77
N GLU B 122 -8.27 -17.31 -0.14
CA GLU B 122 -7.03 -18.05 -0.51
C GLU B 122 -5.87 -17.05 -0.74
N THR B 123 -6.08 -15.89 -1.40
CA THR B 123 -4.96 -15.03 -1.90
C THR B 123 -4.95 -13.64 -1.24
N ASN B 124 -3.77 -13.21 -0.77
CA ASN B 124 -3.46 -11.82 -0.37
C ASN B 124 -2.63 -11.18 -1.46
N ALA B 125 -2.97 -9.94 -1.83
CA ALA B 125 -2.27 -9.26 -2.93
C ALA B 125 -2.03 -7.78 -2.59
N LEU B 126 -0.98 -7.24 -3.21
CA LEU B 126 -0.74 -5.78 -3.18
C LEU B 126 -0.24 -5.39 -4.55
N HIS B 127 -0.74 -4.26 -5.03
CA HIS B 127 -0.28 -3.73 -6.31
C HIS B 127 -0.24 -2.20 -6.23
N PHE B 128 0.85 -1.59 -6.68
CA PHE B 128 0.85 -0.12 -6.89
C PHE B 128 1.46 0.14 -8.26
N MET B 129 1.00 1.26 -8.82
CA MET B 129 1.59 1.77 -10.06
C MET B 129 1.78 3.28 -9.93
N PHE B 130 2.99 3.75 -10.19
CA PHE B 130 3.29 5.19 -10.37
C PHE B 130 3.72 5.41 -11.81
N ASN B 131 2.89 6.12 -12.56
CA ASN B 131 3.24 6.62 -13.92
C ASN B 131 3.53 8.11 -13.86
N GLN B 132 3.20 8.76 -12.76
CA GLN B 132 3.70 10.12 -12.48
C GLN B 132 3.92 10.20 -10.96
N PHE B 133 4.84 11.05 -10.55
CA PHE B 133 5.18 11.34 -9.15
C PHE B 133 4.82 12.82 -8.91
N SER B 134 4.05 13.12 -7.87
CA SER B 134 3.67 14.52 -7.49
C SER B 134 4.67 15.06 -6.48
N LYS B 135 4.69 16.38 -6.28
CA LYS B 135 5.52 17.11 -5.28
C LYS B 135 5.28 16.53 -3.88
N ASP B 136 4.06 16.13 -3.56
CA ASP B 136 3.76 15.63 -2.20
C ASP B 136 3.30 14.17 -2.29
N GLN B 137 4.23 13.24 -2.49
CA GLN B 137 3.86 11.83 -2.79
C GLN B 137 3.83 11.08 -1.45
N LYS B 138 2.71 11.16 -0.72
CA LYS B 138 2.64 10.70 0.70
C LYS B 138 2.78 9.17 0.82
N ASP B 139 2.62 8.41 -0.25
CA ASP B 139 2.76 6.93 -0.17
C ASP B 139 4.20 6.51 -0.53
N LEU B 140 5.11 7.47 -0.66
CA LEU B 140 6.56 7.20 -0.78
C LEU B 140 7.26 7.77 0.45
N ILE B 141 8.21 7.01 0.94
CA ILE B 141 9.22 7.47 1.93
C ILE B 141 10.48 7.84 1.13
N LEU B 142 10.78 9.13 1.04
CA LEU B 142 11.99 9.64 0.34
C LEU B 142 13.13 9.73 1.34
N GLN B 143 14.29 9.21 0.99
CA GLN B 143 15.48 9.14 1.87
C GLN B 143 16.63 9.84 1.14
N GLY B 144 17.49 10.55 1.85
CA GLY B 144 18.67 11.20 1.25
C GLY B 144 18.26 12.29 0.29
N ASP B 145 18.82 12.29 -0.92
CA ASP B 145 18.61 13.40 -1.88
C ASP B 145 17.35 13.21 -2.76
N ALA B 146 16.57 12.14 -2.58
CA ALA B 146 15.49 11.80 -3.52
C ALA B 146 14.41 12.88 -3.44
N THR B 147 13.89 13.32 -4.59
CA THR B 147 12.80 14.31 -4.67
C THR B 147 11.80 13.88 -5.74
N THR B 148 10.56 14.32 -5.61
CA THR B 148 9.48 14.07 -6.58
C THR B 148 8.93 15.42 -7.02
N GLY B 149 8.27 15.48 -8.18
CA GLY B 149 7.49 16.65 -8.62
C GLY B 149 8.08 17.31 -9.85
N THR B 150 9.40 17.17 -10.06
CA THR B 150 10.17 17.76 -11.20
C THR B 150 9.78 17.02 -12.50
N ASP B 151 8.91 17.64 -13.31
CA ASP B 151 8.40 17.07 -14.58
C ASP B 151 7.53 15.82 -14.31
N GLY B 152 7.04 15.60 -13.07
CA GLY B 152 6.27 14.39 -12.70
C GLY B 152 7.18 13.17 -12.55
N ASN B 153 8.48 13.38 -12.38
CA ASN B 153 9.44 12.29 -12.22
C ASN B 153 9.94 12.20 -10.77
N LEU B 154 10.54 11.08 -10.43
CA LEU B 154 11.26 10.86 -9.17
C LEU B 154 12.76 10.99 -9.48
N GLU B 155 13.47 11.92 -8.84
CA GLU B 155 14.94 12.10 -9.00
C GLU B 155 15.59 11.49 -7.78
N LEU B 156 16.22 10.33 -7.93
CA LEU B 156 16.78 9.61 -6.77
C LEU B 156 17.99 10.37 -6.25
N THR B 157 18.76 11.02 -7.12
CA THR B 157 19.96 11.80 -6.72
C THR B 157 19.85 13.25 -7.23
N ARG B 158 20.71 14.11 -6.68
CA ARG B 158 20.62 15.58 -6.78
C ARG B 158 20.86 16.00 -8.23
N VAL B 159 19.96 16.83 -8.67
CA VAL B 159 20.22 17.39 -10.03
C VAL B 159 20.04 18.91 -9.86
N SER B 160 20.56 19.74 -10.67
CA SER B 160 20.41 21.23 -10.60
C SER B 160 19.12 21.70 -11.29
N SER B 161 18.78 22.98 -11.21
CA SER B 161 17.54 23.56 -11.80
C SER B 161 17.50 23.37 -13.33
N ASN B 162 18.64 23.30 -14.01
CA ASN B 162 18.70 23.04 -15.48
C ASN B 162 18.79 21.52 -15.74
N GLY B 163 18.67 20.65 -14.72
CA GLY B 163 18.66 19.18 -14.88
C GLY B 163 20.04 18.55 -14.92
N SER B 164 21.10 19.28 -14.52
CA SER B 164 22.49 18.77 -14.51
C SER B 164 22.77 17.96 -13.24
N PRO B 165 23.29 16.71 -13.34
CA PRO B 165 23.51 15.88 -12.16
C PRO B 165 24.68 16.34 -11.28
N GLN B 166 24.59 16.04 -9.99
CA GLN B 166 25.65 16.35 -9.01
C GLN B 166 26.31 15.05 -8.53
N GLY B 167 27.60 15.14 -8.21
CA GLY B 167 28.42 14.08 -7.61
C GLY B 167 28.06 13.92 -6.15
N SER B 168 28.60 12.88 -5.50
CA SER B 168 28.49 12.65 -4.04
C SER B 168 27.02 12.78 -3.61
N SER B 169 26.10 12.12 -4.30
CA SER B 169 24.64 12.11 -3.98
C SER B 169 24.14 10.67 -3.77
N VAL B 170 23.09 10.52 -2.98
CA VAL B 170 22.45 9.21 -2.70
C VAL B 170 21.02 9.51 -2.24
N GLY B 171 20.06 8.80 -2.82
CA GLY B 171 18.65 8.88 -2.40
C GLY B 171 17.92 7.61 -2.75
N ARG B 172 16.80 7.43 -2.07
CA ARG B 172 15.97 6.22 -2.15
C ARG B 172 14.52 6.63 -2.03
N ALA B 173 13.63 5.87 -2.65
CA ALA B 173 12.17 5.95 -2.48
C ALA B 173 11.69 4.56 -2.10
N LEU B 174 11.02 4.44 -0.97
CA LEU B 174 10.41 3.19 -0.48
C LEU B 174 8.88 3.37 -0.51
N PHE B 175 8.17 2.32 -0.94
CA PHE B 175 6.70 2.26 -0.81
C PHE B 175 6.37 2.28 0.70
N TYR B 176 5.38 3.11 1.06
CA TYR B 176 5.03 3.38 2.46
C TYR B 176 4.62 2.09 3.19
N ALA B 177 3.79 1.24 2.58
CA ALA B 177 3.23 0.05 3.27
C ALA B 177 4.28 -1.06 3.26
N PRO B 178 4.45 -1.77 4.39
CA PRO B 178 5.20 -3.02 4.41
C PRO B 178 4.53 -4.06 3.50
N VAL B 179 5.33 -4.97 2.98
CA VAL B 179 4.88 -5.99 2.00
C VAL B 179 5.12 -7.36 2.63
N HIS B 180 4.14 -8.24 2.53
CA HIS B 180 4.23 -9.64 3.01
C HIS B 180 4.85 -10.46 1.90
N ILE B 181 6.17 -10.64 1.94
CA ILE B 181 6.93 -11.13 0.76
C ILE B 181 6.95 -12.66 0.76
N TRP B 182 6.92 -13.30 1.93
CA TRP B 182 6.80 -14.77 2.02
C TRP B 182 6.02 -15.15 3.28
N GLU B 183 5.53 -16.38 3.31
CA GLU B 183 4.78 -16.93 4.46
C GLU B 183 4.91 -18.47 4.43
N SER B 184 5.18 -19.12 5.55
CA SER B 184 5.56 -20.57 5.60
C SER B 184 4.37 -21.41 5.12
N SER B 185 3.12 -20.99 5.41
CA SER B 185 1.85 -21.68 5.07
C SER B 185 1.29 -21.28 3.69
N ALA B 186 2.02 -20.50 2.87
CA ALA B 186 1.60 -20.12 1.51
C ALA B 186 2.01 -21.22 0.52
N VAL B 187 1.11 -21.54 -0.41
CA VAL B 187 1.30 -22.52 -1.51
C VAL B 187 2.22 -21.91 -2.57
N VAL B 188 1.90 -20.70 -3.04
CA VAL B 188 2.70 -19.94 -4.03
C VAL B 188 2.77 -18.49 -3.53
N ALA B 189 3.94 -17.90 -3.66
CA ALA B 189 4.20 -16.47 -3.44
C ALA B 189 4.96 -15.95 -4.66
N SER B 190 4.62 -14.75 -5.11
CA SER B 190 5.29 -14.17 -6.28
C SER B 190 5.34 -12.65 -6.13
N PHE B 191 6.33 -12.04 -6.77
CA PHE B 191 6.36 -10.58 -6.98
C PHE B 191 6.93 -10.29 -8.36
N GLU B 192 6.54 -9.13 -8.86
CA GLU B 192 7.18 -8.49 -10.00
C GLU B 192 7.28 -6.98 -9.75
N ALA B 193 8.29 -6.39 -10.34
CA ALA B 193 8.48 -4.93 -10.33
C ALA B 193 8.93 -4.53 -11.71
N THR B 194 8.48 -3.36 -12.12
CA THR B 194 8.86 -2.68 -13.36
C THR B 194 9.16 -1.22 -13.02
N PHE B 195 10.19 -0.66 -13.64
CA PHE B 195 10.42 0.80 -13.59
C PHE B 195 11.06 1.22 -14.89
N THR B 196 10.80 2.46 -15.28
CA THR B 196 11.46 3.12 -16.42
C THR B 196 12.31 4.26 -15.88
N PHE B 197 13.46 4.46 -16.51
CA PHE B 197 14.58 5.23 -15.96
C PHE B 197 15.26 5.96 -17.10
N LEU B 198 15.89 7.09 -16.77
CA LEU B 198 16.66 7.94 -17.70
C LEU B 198 17.98 8.26 -17.01
N ILE B 199 19.05 7.62 -17.46
CA ILE B 199 20.44 7.85 -16.96
C ILE B 199 21.17 8.64 -18.06
N LYS B 200 21.56 9.87 -17.71
CA LYS B 200 22.18 10.89 -18.59
C LYS B 200 23.38 11.44 -17.84
N SER B 201 24.48 11.66 -18.53
CA SER B 201 25.76 12.06 -17.89
C SER B 201 26.56 12.88 -18.88
N PRO B 202 27.25 13.95 -18.45
CA PRO B 202 28.30 14.58 -19.28
C PRO B 202 29.65 13.83 -19.18
N ASP B 203 29.81 12.96 -18.18
CA ASP B 203 31.08 12.29 -17.80
C ASP B 203 31.41 11.16 -18.78
N SER B 204 32.70 10.98 -19.09
CA SER B 204 33.28 9.84 -19.88
C SER B 204 32.75 8.52 -19.33
N HIS B 205 32.73 8.41 -18.00
CA HIS B 205 32.24 7.25 -17.23
C HIS B 205 31.12 7.76 -16.32
N PRO B 206 29.84 7.55 -16.69
CA PRO B 206 28.74 7.85 -15.79
C PRO B 206 28.80 6.95 -14.56
N ALA B 207 28.31 7.41 -13.41
CA ALA B 207 28.27 6.60 -12.18
C ALA B 207 27.12 7.11 -11.32
N ASP B 208 26.60 6.29 -10.39
CA ASP B 208 27.09 4.96 -10.08
C ASP B 208 26.05 3.88 -10.43
N GLY B 209 24.76 4.22 -10.47
CA GLY B 209 23.74 3.25 -10.90
C GLY B 209 22.44 3.44 -10.13
N ILE B 210 21.46 2.59 -10.45
CA ILE B 210 20.11 2.52 -9.82
C ILE B 210 19.93 1.08 -9.35
N ALA B 211 19.19 0.85 -8.25
CA ALA B 211 18.85 -0.50 -7.80
C ALA B 211 17.37 -0.50 -7.39
N PHE B 212 16.69 -1.60 -7.72
CA PHE B 212 15.45 -2.05 -7.04
C PHE B 212 15.87 -2.89 -5.85
N PHE B 213 15.32 -2.62 -4.68
CA PHE B 213 15.75 -3.38 -3.50
C PHE B 213 14.56 -3.77 -2.65
N ILE B 214 14.81 -4.81 -1.86
CA ILE B 214 13.87 -5.27 -0.82
C ILE B 214 14.68 -5.33 0.47
N SER B 215 14.12 -4.81 1.55
CA SER B 215 14.82 -4.64 2.85
C SER B 215 13.90 -4.91 4.03
N ASN B 216 14.50 -5.04 5.22
CA ASN B 216 13.79 -4.86 6.49
C ASN B 216 12.97 -3.57 6.42
N ILE B 217 11.82 -3.55 7.10
CA ILE B 217 10.83 -2.44 6.96
C ILE B 217 11.48 -1.12 7.37
N ASP B 218 12.37 -1.15 8.36
CA ASP B 218 12.94 0.08 8.99
C ASP B 218 14.31 0.42 8.36
N SER B 219 14.56 0.03 7.11
CA SER B 219 15.83 0.29 6.39
C SER B 219 16.00 1.80 6.13
N SER B 220 17.25 2.26 6.22
CA SER B 220 17.67 3.66 5.95
C SER B 220 18.95 3.62 5.13
N ILE B 221 19.28 4.72 4.46
CA ILE B 221 20.56 4.80 3.69
C ILE B 221 21.68 4.57 4.69
N PRO B 222 22.56 3.56 4.50
CA PRO B 222 23.70 3.40 5.41
C PRO B 222 24.58 4.65 5.35
N SER B 223 25.13 5.04 6.50
CA SER B 223 26.08 6.17 6.59
C SER B 223 27.22 5.99 5.57
N GLY B 224 27.48 7.02 4.73
CA GLY B 224 28.62 7.02 3.80
C GLY B 224 28.38 6.30 2.48
N SER B 225 27.14 5.87 2.18
CA SER B 225 26.82 4.89 1.11
C SER B 225 26.62 5.55 -0.26
N THR B 226 27.26 6.69 -0.51
CA THR B 226 27.31 7.29 -1.86
C THR B 226 28.20 6.40 -2.76
N GLY B 227 28.34 6.76 -4.05
CA GLY B 227 29.24 6.08 -4.97
C GLY B 227 28.92 4.59 -5.11
N ARG B 228 29.94 3.75 -5.03
CA ARG B 228 29.83 2.32 -5.43
C ARG B 228 28.90 1.52 -4.52
N LEU B 229 28.52 2.01 -3.34
CA LEU B 229 27.63 1.24 -2.43
C LEU B 229 26.13 1.48 -2.72
N LEU B 230 25.79 2.44 -3.61
CA LEU B 230 24.46 2.58 -4.30
C LEU B 230 23.36 2.92 -3.30
N GLY B 231 23.71 3.40 -2.11
CA GLY B 231 22.79 3.71 -1.02
C GLY B 231 22.21 2.47 -0.37
N LEU B 232 22.87 1.32 -0.49
CA LEU B 232 22.32 0.02 -0.03
C LEU B 232 23.17 -0.59 1.07
N PHE B 233 24.51 -0.54 0.95
CA PHE B 233 25.43 -1.32 1.80
C PHE B 233 26.31 -0.39 2.62
N PRO B 234 26.60 -0.73 3.89
CA PRO B 234 27.45 0.12 4.72
C PRO B 234 28.95 -0.02 4.35
N ASP B 235 29.30 -1.02 3.56
CA ASP B 235 30.71 -1.32 3.21
C ASP B 235 30.69 -2.29 2.03
N ALA B 236 31.87 -2.69 1.55
CA ALA B 236 32.06 -3.45 0.29
C ALA B 236 32.28 -4.95 0.57
N ASN B 237 32.03 -5.44 1.79
CA ASN B 237 32.15 -6.89 2.12
C ASN B 237 31.13 -7.73 1.34
MN MN E . -27.42 5.00 11.40
CA CA F . -27.32 3.22 15.04
C1 MAN G . -26.54 2.31 24.46
C2 MAN G . -25.48 3.27 23.96
C3 MAN G . -25.76 3.59 22.47
C4 MAN G . -25.82 2.32 21.66
C5 MAN G . -26.74 1.23 22.28
C6 MAN G . -26.43 -0.15 21.69
O2 MAN G . -24.20 2.70 24.20
O3 MAN G . -24.73 4.49 22.00
O4 MAN G . -26.19 2.67 20.34
O5 MAN G . -26.54 1.11 23.74
O6 MAN G . -25.14 -0.70 21.98
MN MN H . 28.31 -3.91 -9.60
CA CA I . 29.85 -0.15 -9.50
C1 MAN J . 34.79 7.45 -6.47
C2 MAN J . 34.03 6.84 -5.30
C3 MAN J . 33.36 5.54 -5.74
C4 MAN J . 32.46 5.75 -6.97
C5 MAN J . 33.17 6.49 -8.07
C6 MAN J . 32.17 7.06 -9.09
O2 MAN J . 33.08 7.77 -4.79
O3 MAN J . 32.63 4.97 -4.65
O4 MAN J . 32.03 4.44 -7.44
O5 MAN J . 33.93 7.65 -7.58
O6 MAN J . 31.29 8.03 -8.58
C1 SQ0 K . -28.77 2.10 25.06
C2 SQ0 K . -30.00 1.97 24.25
C3 SQ0 K . -31.27 3.34 22.79
C4 SQ0 K . -32.75 3.34 23.15
C5 SQ0 K . -33.65 1.07 23.27
O1 SQ0 K . -30.52 3.26 23.99
N1 SQ0 K . -33.43 2.18 22.60
C6 SQ0 K . -34.06 -0.24 22.94
C7 SQ0 K . -34.07 -0.64 24.32
C8 SQ0 K . -33.63 0.73 24.70
O2 SQ0 K . -33.37 1.34 25.72
O3 SQ0 K . -34.30 -1.70 24.89
O4 SQ0 K . -35.96 -3.21 15.28
C9 SQ0 K . -35.49 -2.62 16.50
C10 SQ0 K . -34.74 -3.64 17.33
C11 SQ0 K . -33.61 -3.05 18.11
C12 SQ0 K . -34.06 -2.16 19.23
C13 SQ0 K . -34.58 -2.91 20.43
C14 SQ0 K . -34.10 -2.33 21.75
N2 SQ0 K . -34.30 -0.90 21.83
O6 SQ0 K . -27.81 2.88 24.33
C1 SQ0 L . 36.55 7.12 -8.03
C2 SQ0 L . 37.57 6.16 -8.61
C3 SQ0 L . 37.49 3.82 -9.28
C4 SQ0 L . 38.87 3.85 -9.95
C5 SQ0 L . 38.79 5.15 -12.01
O1 SQ0 L . 37.28 4.81 -8.29
N1 SQ0 L . 38.73 3.99 -11.38
C6 SQ0 L . 38.43 5.65 -13.29
C7 SQ0 L . 38.96 6.97 -12.96
C8 SQ0 L . 39.35 6.45 -11.63
O2 SQ0 L . 39.88 6.92 -10.63
O3 SQ0 L . 39.02 8.03 -13.56
O4 SQ0 L . 36.65 0.44 -19.64
C9 SQ0 L . 35.41 1.02 -19.17
C10 SQ0 L . 35.56 1.66 -17.81
C11 SQ0 L . 36.72 1.10 -17.00
C12 SQ0 L . 36.93 1.78 -15.68
C13 SQ0 L . 37.06 3.30 -15.75
C14 SQ0 L . 37.18 3.89 -14.37
N2 SQ0 L . 37.84 5.18 -14.36
O6 SQ0 L . 35.87 6.61 -6.86
#